data_7YZS
#
_entry.id   7YZS
#
_cell.length_a   102.198
_cell.length_b   102.198
_cell.length_c   67.959
_cell.angle_alpha   90
_cell.angle_beta   90
_cell.angle_gamma   120
#
_symmetry.space_group_name_H-M   'P 31 2 1'
#
loop_
_entity.id
_entity.type
_entity.pdbx_description
1 polymer 'Sulfoquinovosyl binding protein'
2 non-polymer 6-deoxy-6-sulfo-beta-D-glucopyranose
3 water water
#
_entity_poly.entity_id   1
_entity_poly.type   'polypeptide(L)'
_entity_poly.pdbx_seq_one_letter_code
;MDAELKIFVSSQHQPDIWRKALDQYEAKTPGVKVVIETGGNTSEMQAQYLNTVMSAKDSSLDVLMLDVIRPAQFATAGWT
SDFSGKDLSAYLPTYAEANTVNGKIVALPAFADSMFLYYRKDLLDKYGIKPPTTWDELKEASKKVMEGEKNPELQGLSFQ
GKAIEGAVCTFLLPYWSEGKSLVENGKLNFDNKAAVDSLKLWKSFVDDGISKKNISEVATDDTRKEFQAGKVLFAVNWSY
AWTHFQGKESQVNDKVGVARLPAVKGGEQTTCLGGWEFGVSAYSKQQDEAKKLVEYLSSQDVSKFMAINAALLPTYAALY
KDADVTKTIPWFADALPVVETAKARPVTPRYNEVSETIRTTVNGVLAGVMTPEDGAKQMESRLRRVLRLEHHHHHH
;
_entity_poly.pdbx_strand_id   AAA
#
loop_
_chem_comp.id
_chem_comp.type
_chem_comp.name
_chem_comp.formula
YZT saccharide 6-deoxy-6-sulfo-beta-D-glucopyranose 'C6 H12 O8 S'
#
# COMPACT_ATOMS: atom_id res chain seq x y z
N ALA A 3 12.16 -12.11 28.26
CA ALA A 3 12.78 -11.77 26.93
C ALA A 3 12.44 -10.33 26.51
N GLU A 4 13.36 -9.70 25.79
CA GLU A 4 13.21 -8.39 25.13
C GLU A 4 13.18 -8.66 23.62
N LEU A 5 11.99 -8.57 23.02
CA LEU A 5 11.87 -8.79 21.56
C LEU A 5 11.93 -7.44 20.86
N LYS A 6 12.59 -7.41 19.72
CA LYS A 6 12.62 -6.24 18.80
C LYS A 6 11.76 -6.54 17.57
N ILE A 7 10.87 -5.62 17.21
CA ILE A 7 9.98 -5.77 16.04
C ILE A 7 10.19 -4.56 15.14
N PHE A 8 10.54 -4.82 13.89
CA PHE A 8 10.67 -3.80 12.83
C PHE A 8 9.28 -3.44 12.29
N VAL A 9 8.85 -2.20 12.49
CA VAL A 9 7.51 -1.71 12.05
C VAL A 9 7.70 -0.59 11.01
N SER A 10 6.94 -0.66 9.93
CA SER A 10 6.82 0.43 8.92
C SER A 10 6.40 1.70 9.65
N SER A 11 7.13 2.78 9.48
CA SER A 11 6.78 4.12 10.04
C SER A 11 5.44 4.61 9.49
N GLN A 12 5.07 4.10 8.33
CA GLN A 12 3.85 4.48 7.61
C GLN A 12 2.63 3.81 8.28
N HIS A 13 2.84 2.76 9.08
CA HIS A 13 1.71 1.91 9.55
C HIS A 13 1.51 2.03 11.08
N GLN A 14 1.70 3.23 11.62
CA GLN A 14 1.20 3.63 12.95
C GLN A 14 1.88 2.82 14.06
N PRO A 15 3.22 2.92 14.19
CA PRO A 15 3.94 2.30 15.30
C PRO A 15 3.43 2.68 16.70
N ASP A 16 2.95 3.91 16.90
CA ASP A 16 2.39 4.33 18.21
C ASP A 16 1.15 3.50 18.54
N ILE A 17 0.39 3.08 17.52
CA ILE A 17 -0.85 2.31 17.75
C ILE A 17 -0.43 0.86 17.99
N TRP A 18 0.51 0.33 17.21
CA TRP A 18 1.06 -1.03 17.47
C TRP A 18 1.58 -1.08 18.91
N ARG A 19 2.18 0.02 19.39
CA ARG A 19 2.71 0.16 20.76
C ARG A 19 1.62 -0.09 21.81
N LYS A 20 0.39 0.37 21.59
CA LYS A 20 -0.75 0.15 22.53
C LYS A 20 -1.10 -1.33 22.59
N ALA A 21 -0.99 -2.03 21.46
CA ALA A 21 -1.24 -3.48 21.34
C ALA A 21 -0.12 -4.22 22.07
N LEU A 22 1.11 -3.77 21.88
CA LEU A 22 2.28 -4.40 22.55
C LEU A 22 2.19 -4.16 24.08
N ASP A 23 1.69 -3.01 24.55
CA ASP A 23 1.48 -2.75 25.99
C ASP A 23 0.45 -3.75 26.55
N GLN A 24 -0.58 -4.09 25.78
CA GLN A 24 -1.61 -5.08 26.23
C GLN A 24 -0.92 -6.44 26.26
N TYR A 25 -0.07 -6.75 25.28
CA TYR A 25 0.70 -8.01 25.28
C TYR A 25 1.59 -8.11 26.53
N GLU A 26 2.46 -7.11 26.76
CA GLU A 26 3.34 -7.06 27.96
C GLU A 26 2.50 -7.23 29.24
N ALA A 27 1.36 -6.54 29.36
CA ALA A 27 0.56 -6.49 30.60
C ALA A 27 0.05 -7.90 30.93
N LYS A 28 -0.12 -8.75 29.93
CA LYS A 28 -0.67 -10.12 30.10
C LYS A 28 0.42 -11.17 29.89
N THR A 29 1.65 -10.78 29.52
CA THR A 29 2.77 -11.76 29.37
C THR A 29 3.91 -11.34 30.31
N PRO A 30 3.87 -11.70 31.61
CA PRO A 30 4.99 -11.39 32.52
C PRO A 30 6.31 -11.97 31.98
N GLY A 31 7.40 -11.19 32.09
CA GLY A 31 8.76 -11.58 31.67
C GLY A 31 9.03 -11.35 30.19
N VAL A 32 8.14 -10.64 29.47
CA VAL A 32 8.38 -10.34 28.02
C VAL A 32 8.23 -8.84 27.83
N LYS A 33 9.20 -8.24 27.13
CA LYS A 33 9.11 -6.82 26.76
C LYS A 33 9.30 -6.74 25.25
N VAL A 34 8.62 -5.78 24.61
CA VAL A 34 8.77 -5.65 23.15
C VAL A 34 9.27 -4.24 22.86
N VAL A 35 10.23 -4.13 21.95
CA VAL A 35 10.70 -2.80 21.47
C VAL A 35 10.49 -2.73 19.95
N ILE A 36 9.90 -1.62 19.51
CA ILE A 36 9.71 -1.30 18.07
C ILE A 36 10.94 -0.59 17.53
N GLU A 37 11.55 -1.14 16.48
CA GLU A 37 12.46 -0.36 15.60
C GLU A 37 11.61 0.14 14.42
N THR A 38 11.64 1.45 14.15
CA THR A 38 10.78 2.11 13.11
C THR A 38 11.68 2.48 11.94
N GLY A 39 11.50 1.83 10.79
CA GLY A 39 12.28 2.08 9.56
C GLY A 39 11.65 3.17 8.69
N GLY A 40 12.06 3.28 7.42
CA GLY A 40 11.55 4.32 6.50
C GLY A 40 10.04 4.26 6.30
N ASN A 41 9.45 5.36 5.86
CA ASN A 41 8.02 5.41 5.44
C ASN A 41 7.77 4.38 4.35
N THR A 42 8.62 4.38 3.33
CA THR A 42 8.28 3.64 2.08
C THR A 42 8.89 2.24 2.10
N SER A 43 8.24 1.34 1.38
CA SER A 43 8.46 -0.13 1.43
C SER A 43 9.82 -0.45 0.82
N GLU A 44 10.20 0.23 -0.26
CA GLU A 44 11.51 0.00 -0.93
C GLU A 44 12.66 0.44 -0.01
N MET A 45 12.49 1.46 0.84
CA MET A 45 13.55 1.89 1.79
C MET A 45 13.63 0.87 2.94
N GLN A 46 12.50 0.44 3.48
CA GLN A 46 12.47 -0.62 4.52
C GLN A 46 13.17 -1.86 3.98
N ALA A 47 12.93 -2.18 2.70
CA ALA A 47 13.45 -3.42 2.09
C ALA A 47 14.98 -3.30 1.93
N GLN A 48 15.47 -2.16 1.44
CA GLN A 48 16.93 -1.92 1.29
C GLN A 48 17.64 -2.10 2.64
N TYR A 49 17.05 -1.56 3.71
CA TYR A 49 17.57 -1.68 5.10
C TYR A 49 17.56 -3.16 5.55
N LEU A 50 16.43 -3.85 5.45
CA LEU A 50 16.32 -5.27 5.87
C LEU A 50 17.26 -6.15 5.03
N ASN A 51 17.40 -5.90 3.74
CA ASN A 51 18.39 -6.66 2.91
C ASN A 51 19.78 -6.61 3.57
N THR A 52 20.19 -5.45 4.09
CA THR A 52 21.56 -5.31 4.66
C THR A 52 21.63 -6.05 6.00
N VAL A 53 20.65 -5.94 6.90
CA VAL A 53 20.81 -6.59 8.23
C VAL A 53 20.58 -8.09 8.06
N MET A 54 19.72 -8.51 7.12
CA MET A 54 19.41 -9.96 6.93
C MET A 54 20.57 -10.60 6.17
N SER A 55 21.13 -9.94 5.16
CA SER A 55 22.34 -10.41 4.43
C SER A 55 23.50 -10.66 5.41
N ALA A 56 23.65 -9.79 6.41
CA ALA A 56 24.73 -9.83 7.42
C ALA A 56 24.35 -10.76 8.59
N LYS A 57 23.20 -11.45 8.51
CA LYS A 57 22.76 -12.48 9.50
C LYS A 57 22.59 -11.83 10.87
N ASP A 58 22.30 -10.53 10.90
CA ASP A 58 22.22 -9.75 12.17
C ASP A 58 21.01 -10.26 12.96
N SER A 59 21.16 -10.46 14.27
CA SER A 59 20.19 -11.24 15.09
C SER A 59 19.43 -10.32 16.04
N SER A 60 19.56 -9.00 15.87
CA SER A 60 18.91 -7.99 16.76
C SER A 60 17.39 -7.97 16.57
N LEU A 61 16.91 -8.11 15.33
CA LEU A 61 15.44 -8.10 15.06
C LEU A 61 14.84 -9.49 15.31
N ASP A 62 13.72 -9.56 16.01
CA ASP A 62 13.02 -10.83 16.26
C ASP A 62 11.85 -10.97 15.26
N VAL A 63 11.08 -9.88 15.05
CA VAL A 63 9.82 -9.91 14.25
C VAL A 63 9.94 -8.83 13.18
N LEU A 64 9.62 -9.15 11.93
CA LEU A 64 9.73 -8.24 10.75
C LEU A 64 8.34 -8.00 10.17
N MET A 65 7.85 -6.76 10.21
CA MET A 65 6.68 -6.33 9.41
C MET A 65 7.13 -6.18 7.96
N LEU A 66 6.62 -7.04 7.07
CA LEU A 66 7.04 -7.10 5.66
C LEU A 66 5.84 -6.87 4.72
N ASP A 67 6.11 -6.22 3.60
CA ASP A 67 5.09 -5.88 2.58
C ASP A 67 4.67 -7.20 1.90
N VAL A 68 3.47 -7.19 1.32
CA VAL A 68 2.85 -8.37 0.63
C VAL A 68 3.76 -8.83 -0.52
N ILE A 69 4.62 -7.94 -1.01
CA ILE A 69 5.50 -8.20 -2.19
C ILE A 69 6.78 -8.90 -1.73
N ARG A 70 6.98 -9.11 -0.43
CA ARG A 70 8.27 -9.61 0.12
C ARG A 70 8.35 -11.12 0.23
N PRO A 71 7.27 -11.92 0.45
CA PRO A 71 7.48 -13.34 0.79
C PRO A 71 8.38 -14.11 -0.19
N ALA A 72 8.30 -13.86 -1.48
CA ALA A 72 9.10 -14.64 -2.46
C ALA A 72 10.60 -14.47 -2.14
N GLN A 73 11.05 -13.22 -2.06
CA GLN A 73 12.46 -12.92 -1.66
C GLN A 73 12.78 -13.59 -0.31
N PHE A 74 11.98 -13.36 0.73
CA PHE A 74 12.34 -13.79 2.11
C PHE A 74 12.34 -15.33 2.22
N ALA A 75 11.38 -16.02 1.61
CA ALA A 75 11.36 -17.50 1.43
C ALA A 75 12.65 -17.98 0.75
N THR A 76 12.94 -17.53 -0.47
CA THR A 76 14.10 -18.00 -1.26
C THR A 76 15.42 -17.78 -0.48
N ALA A 77 15.58 -16.65 0.21
CA ALA A 77 16.81 -16.31 0.97
C ALA A 77 16.84 -17.03 2.31
N GLY A 78 15.73 -17.64 2.74
CA GLY A 78 15.65 -18.30 4.05
C GLY A 78 15.77 -17.31 5.20
N TRP A 79 15.21 -16.09 5.06
CA TRP A 79 15.36 -15.00 6.06
C TRP A 79 14.28 -15.08 7.15
N THR A 80 13.24 -15.92 7.00
CA THR A 80 12.26 -16.08 8.09
C THR A 80 12.15 -17.56 8.48
N SER A 81 11.72 -17.80 9.72
CA SER A 81 11.35 -19.13 10.23
C SER A 81 9.92 -19.46 9.78
N ASP A 82 9.77 -20.50 8.96
CA ASP A 82 8.46 -21.04 8.51
C ASP A 82 7.58 -21.32 9.73
N PHE A 83 6.27 -21.05 9.63
CA PHE A 83 5.28 -21.49 10.63
C PHE A 83 4.86 -22.92 10.24
N SER A 84 5.74 -23.92 10.41
CA SER A 84 5.55 -25.31 9.92
C SER A 84 4.13 -25.80 10.27
N GLY A 85 3.48 -26.46 9.30
CA GLY A 85 2.11 -27.01 9.37
C GLY A 85 1.09 -26.00 9.86
N LYS A 86 1.26 -24.72 9.56
CA LYS A 86 0.24 -23.69 9.92
C LYS A 86 -0.79 -23.65 8.80
N ASP A 87 -2.06 -23.54 9.15
CA ASP A 87 -3.15 -23.31 8.17
C ASP A 87 -3.57 -21.84 8.28
N LEU A 88 -3.54 -21.12 7.16
CA LEU A 88 -3.89 -19.68 7.10
C LEU A 88 -5.37 -19.48 6.72
N SER A 89 -6.28 -20.44 7.04
CA SER A 89 -7.70 -20.47 6.60
C SER A 89 -8.51 -19.39 7.35
N ALA A 90 -8.09 -19.03 8.56
CA ALA A 90 -8.70 -17.92 9.32
C ALA A 90 -8.56 -16.60 8.52
N TYR A 91 -7.54 -16.47 7.65
CA TYR A 91 -7.19 -15.19 6.99
C TYR A 91 -7.73 -15.14 5.55
N LEU A 92 -8.01 -13.93 5.07
CA LEU A 92 -8.40 -13.74 3.65
C LEU A 92 -7.51 -14.60 2.78
N PRO A 93 -8.10 -15.38 1.84
CA PRO A 93 -7.32 -16.24 0.95
C PRO A 93 -6.25 -15.46 0.18
N THR A 94 -6.50 -14.20 -0.17
CA THR A 94 -5.44 -13.46 -0.95
C THR A 94 -4.16 -13.42 -0.08
N TYR A 95 -4.28 -13.29 1.23
CA TYR A 95 -3.10 -13.21 2.13
C TYR A 95 -2.64 -14.62 2.53
N ALA A 96 -3.56 -15.56 2.75
CA ALA A 96 -3.17 -16.99 2.91
C ALA A 96 -2.20 -17.32 1.76
N GLU A 97 -2.57 -16.97 0.54
CA GLU A 97 -1.81 -17.24 -0.71
C GLU A 97 -0.51 -16.44 -0.76
N ALA A 98 -0.54 -15.16 -0.38
CA ALA A 98 0.66 -14.32 -0.58
C ALA A 98 1.75 -14.84 0.37
N ASN A 99 1.38 -15.42 1.52
CA ASN A 99 2.30 -15.80 2.62
C ASN A 99 2.70 -17.28 2.53
N THR A 100 2.34 -17.95 1.44
CA THR A 100 2.72 -19.36 1.16
C THR A 100 3.67 -19.35 -0.03
N VAL A 101 4.91 -19.82 0.12
CA VAL A 101 5.82 -19.93 -1.04
C VAL A 101 6.36 -21.37 -1.04
N ASN A 102 6.23 -22.08 -2.18
CA ASN A 102 6.56 -23.52 -2.35
C ASN A 102 6.21 -24.31 -1.08
N GLY A 103 5.01 -24.12 -0.52
CA GLY A 103 4.46 -24.92 0.59
C GLY A 103 4.77 -24.35 1.97
N LYS A 104 5.63 -23.34 2.05
CA LYS A 104 6.14 -22.79 3.33
C LYS A 104 5.29 -21.58 3.72
N ILE A 105 4.74 -21.57 4.94
CA ILE A 105 4.05 -20.40 5.56
C ILE A 105 5.16 -19.48 6.12
N VAL A 106 5.49 -18.45 5.35
CA VAL A 106 6.65 -17.52 5.53
C VAL A 106 6.37 -16.54 6.66
N ALA A 107 5.11 -16.29 6.99
CA ALA A 107 4.69 -15.10 7.76
C ALA A 107 3.21 -15.22 8.08
N LEU A 108 2.74 -14.59 9.17
CA LEU A 108 1.30 -14.47 9.46
C LEU A 108 0.85 -13.10 8.97
N PRO A 109 -0.30 -13.01 8.28
CA PRO A 109 -0.82 -11.73 7.81
C PRO A 109 -0.97 -10.77 9.00
N ALA A 110 -0.58 -9.52 8.77
CA ALA A 110 -0.66 -8.46 9.78
C ALA A 110 -1.87 -7.58 9.50
N PHE A 111 -1.92 -7.05 8.29
CA PHE A 111 -3.12 -6.29 7.87
C PHE A 111 -3.20 -6.28 6.35
N ALA A 112 -4.42 -6.03 5.89
CA ALA A 112 -4.77 -5.97 4.46
C ALA A 112 -4.55 -4.53 4.00
N ASP A 113 -4.49 -4.34 2.71
CA ASP A 113 -4.48 -2.98 2.15
C ASP A 113 -4.83 -3.07 0.66
N SER A 114 -5.33 -1.96 0.15
CA SER A 114 -5.56 -1.75 -1.30
C SER A 114 -5.58 -0.24 -1.51
N MET A 115 -5.36 0.18 -2.74
CA MET A 115 -5.52 1.60 -3.10
C MET A 115 -6.99 1.94 -3.34
N PHE A 116 -7.38 3.07 -2.77
CA PHE A 116 -8.71 3.70 -2.93
C PHE A 116 -8.54 5.11 -3.47
N LEU A 117 -9.64 5.67 -3.94
CA LEU A 117 -9.74 7.09 -4.26
C LEU A 117 -10.38 7.78 -3.06
N TYR A 118 -9.58 8.56 -2.34
CA TYR A 118 -10.09 9.52 -1.35
C TYR A 118 -10.57 10.75 -2.11
N TYR A 119 -11.68 11.31 -1.65
CA TYR A 119 -12.24 12.51 -2.32
C TYR A 119 -12.85 13.41 -1.26
N ARG A 120 -12.83 14.70 -1.58
CA ARG A 120 -13.44 15.76 -0.75
C ARG A 120 -14.94 15.72 -1.06
N LYS A 121 -15.71 15.02 -0.25
CA LYS A 121 -17.18 14.90 -0.47
C LYS A 121 -17.89 16.26 -0.31
N ASP A 122 -17.37 17.15 0.53
CA ASP A 122 -17.87 18.54 0.70
C ASP A 122 -17.78 19.25 -0.67
N LEU A 123 -16.66 19.10 -1.39
CA LEU A 123 -16.44 19.84 -2.66
C LEU A 123 -17.28 19.24 -3.77
N LEU A 124 -17.36 17.91 -3.89
CA LEU A 124 -18.18 17.30 -4.95
C LEU A 124 -19.67 17.67 -4.70
N ASP A 125 -20.12 17.66 -3.45
CA ASP A 125 -21.50 18.03 -3.06
C ASP A 125 -21.71 19.48 -3.52
N LYS A 126 -20.76 20.36 -3.21
CA LYS A 126 -20.90 21.81 -3.42
C LYS A 126 -21.12 22.09 -4.90
N TYR A 127 -20.46 21.36 -5.79
CA TYR A 127 -20.56 21.53 -7.26
C TYR A 127 -21.46 20.45 -7.89
N GLY A 128 -22.12 19.62 -7.09
CA GLY A 128 -23.12 18.63 -7.56
C GLY A 128 -22.50 17.55 -8.43
N ILE A 129 -21.32 17.08 -8.05
CA ILE A 129 -20.52 16.12 -8.86
C ILE A 129 -20.63 14.77 -8.18
N LYS A 130 -20.77 13.77 -9.03
CA LYS A 130 -20.80 12.34 -8.71
C LYS A 130 -19.33 11.88 -8.58
N PRO A 131 -18.97 10.98 -7.65
CA PRO A 131 -17.61 10.47 -7.58
C PRO A 131 -17.24 9.91 -8.94
N PRO A 132 -16.05 10.23 -9.48
CA PRO A 132 -15.72 9.82 -10.84
C PRO A 132 -15.39 8.33 -10.97
N THR A 133 -15.78 7.73 -12.07
CA THR A 133 -15.60 6.29 -12.34
C THR A 133 -14.55 6.09 -13.43
N THR A 134 -14.12 7.17 -14.07
CA THR A 134 -13.05 7.15 -15.09
C THR A 134 -12.14 8.33 -14.80
N TRP A 135 -10.89 8.22 -15.25
CA TRP A 135 -9.89 9.29 -15.05
C TRP A 135 -10.36 10.54 -15.80
N ASP A 136 -11.12 10.35 -16.86
CA ASP A 136 -11.68 11.48 -17.66
C ASP A 136 -12.73 12.20 -16.82
N GLU A 137 -13.60 11.47 -16.14
CA GLU A 137 -14.58 12.11 -15.23
C GLU A 137 -13.83 12.81 -14.09
N LEU A 138 -12.72 12.23 -13.63
CA LEU A 138 -11.97 12.84 -12.52
C LEU A 138 -11.33 14.17 -12.99
N LYS A 139 -10.80 14.22 -14.19
CA LYS A 139 -10.25 15.46 -14.78
C LYS A 139 -11.35 16.53 -14.85
N GLU A 140 -12.50 16.15 -15.38
CA GLU A 140 -13.65 17.08 -15.60
C GLU A 140 -14.14 17.60 -14.25
N ALA A 141 -14.20 16.72 -13.25
CA ALA A 141 -14.63 17.10 -11.88
C ALA A 141 -13.59 18.07 -11.30
N SER A 142 -12.32 17.78 -11.53
CA SER A 142 -11.20 18.56 -10.96
C SER A 142 -11.30 19.99 -11.51
N LYS A 143 -11.53 20.10 -12.80
CA LYS A 143 -11.59 21.42 -13.50
C LYS A 143 -12.72 22.22 -12.89
N LYS A 144 -13.88 21.60 -12.74
CA LYS A 144 -15.11 22.28 -12.28
C LYS A 144 -14.89 22.80 -10.87
N VAL A 145 -14.39 21.95 -9.99
CA VAL A 145 -14.15 22.32 -8.58
C VAL A 145 -13.05 23.40 -8.48
N MET A 146 -11.91 23.24 -9.15
CA MET A 146 -10.75 24.16 -9.06
C MET A 146 -11.17 25.54 -9.60
N GLU A 147 -11.99 25.56 -10.65
CA GLU A 147 -12.52 26.83 -11.20
C GLU A 147 -13.43 27.51 -10.17
N GLY A 148 -14.30 26.77 -9.48
CA GLY A 148 -15.25 27.38 -8.52
C GLY A 148 -14.58 27.77 -7.21
N GLU A 149 -13.57 27.03 -6.78
CA GLU A 149 -12.97 27.23 -5.44
C GLU A 149 -12.09 28.48 -5.45
N LYS A 150 -11.44 28.80 -6.57
CA LYS A 150 -10.61 30.02 -6.68
C LYS A 150 -9.55 29.97 -5.56
N ASN A 151 -8.95 28.80 -5.41
CA ASN A 151 -7.99 28.46 -4.36
C ASN A 151 -6.70 28.09 -5.06
N PRO A 152 -5.71 29.01 -5.04
CA PRO A 152 -4.43 28.78 -5.70
C PRO A 152 -3.64 27.60 -5.11
N GLU A 153 -4.02 27.08 -3.94
CA GLU A 153 -3.35 25.89 -3.37
C GLU A 153 -4.13 24.58 -3.55
N LEU A 154 -5.34 24.57 -4.12
CA LEU A 154 -6.13 23.33 -4.30
C LEU A 154 -5.61 22.55 -5.51
N GLN A 155 -5.01 21.40 -5.26
CA GLN A 155 -4.66 20.40 -6.28
C GLN A 155 -5.91 19.57 -6.64
N GLY A 156 -6.04 19.22 -7.94
CA GLY A 156 -7.11 18.34 -8.42
C GLY A 156 -6.85 16.91 -7.94
N LEU A 157 -5.70 16.37 -8.31
CA LEU A 157 -5.34 14.96 -8.04
C LEU A 157 -3.92 14.89 -7.48
N SER A 158 -3.78 14.15 -6.37
CA SER A 158 -2.46 13.80 -5.82
C SER A 158 -2.31 12.30 -5.97
N PHE A 159 -1.20 11.89 -6.58
CA PHE A 159 -0.83 10.47 -6.76
C PHE A 159 0.68 10.40 -6.57
N GLN A 160 1.24 9.20 -6.49
CA GLN A 160 2.65 9.01 -6.14
C GLN A 160 3.48 8.96 -7.42
N GLY A 161 4.35 9.95 -7.59
CA GLY A 161 5.31 10.06 -8.72
C GLY A 161 6.76 9.94 -8.30
N LYS A 162 7.05 9.99 -7.00
CA LYS A 162 8.42 9.80 -6.45
C LYS A 162 8.87 8.37 -6.77
N ALA A 163 10.17 8.14 -6.89
CA ALA A 163 10.76 6.81 -7.23
C ALA A 163 10.68 5.87 -6.03
N ILE A 164 9.45 5.52 -5.63
CA ILE A 164 9.16 4.69 -4.43
C ILE A 164 8.29 3.52 -4.88
N GLU A 165 8.07 2.58 -3.99
CA GLU A 165 7.28 1.37 -4.30
C GLU A 165 5.91 1.81 -4.81
N GLY A 166 5.32 2.85 -4.21
CA GLY A 166 3.99 3.31 -4.61
C GLY A 166 3.89 3.75 -6.06
N ALA A 167 4.98 4.24 -6.68
CA ALA A 167 4.97 4.57 -8.14
C ALA A 167 4.87 3.32 -8.99
N VAL A 168 5.22 2.16 -8.45
CA VAL A 168 5.01 0.91 -9.22
C VAL A 168 3.50 0.75 -9.34
N CYS A 169 2.83 0.91 -8.20
CA CYS A 169 1.36 0.81 -8.12
C CYS A 169 0.79 1.85 -9.08
N THR A 170 1.31 3.06 -9.07
CA THR A 170 0.82 4.14 -9.98
C THR A 170 0.84 3.62 -11.43
N PHE A 171 1.95 3.05 -11.84
CA PHE A 171 2.15 2.61 -13.24
C PHE A 171 1.12 1.52 -13.60
N LEU A 172 0.90 0.59 -12.69
CA LEU A 172 0.07 -0.61 -13.01
C LEU A 172 -1.42 -0.24 -12.99
N LEU A 173 -1.84 0.84 -12.35
CA LEU A 173 -3.31 1.05 -12.22
C LEU A 173 -3.92 1.18 -13.61
N PRO A 174 -3.41 2.00 -14.55
CA PRO A 174 -4.05 2.11 -15.87
C PRO A 174 -3.76 0.91 -16.78
N TYR A 175 -2.63 0.26 -16.53
CA TYR A 175 -2.20 -0.97 -17.23
C TYR A 175 -3.20 -2.07 -16.93
N TRP A 176 -3.45 -2.31 -15.64
CA TRP A 176 -4.44 -3.31 -15.18
C TRP A 176 -5.84 -2.92 -15.66
N SER A 177 -6.19 -1.63 -15.60
CA SER A 177 -7.55 -1.16 -15.95
C SER A 177 -7.88 -1.53 -17.41
N GLU A 178 -6.90 -1.49 -18.30
CA GLU A 178 -7.01 -1.89 -19.72
C GLU A 178 -7.06 -3.42 -19.89
N GLY A 179 -6.93 -4.18 -18.80
CA GLY A 179 -7.03 -5.65 -18.80
C GLY A 179 -5.71 -6.29 -19.18
N LYS A 180 -4.57 -5.63 -18.95
CA LYS A 180 -3.26 -6.26 -19.22
C LYS A 180 -2.66 -6.73 -17.89
N SER A 181 -1.79 -7.74 -18.02
CA SER A 181 -0.92 -8.25 -16.95
C SER A 181 0.51 -8.08 -17.41
N LEU A 182 1.42 -8.00 -16.44
CA LEU A 182 2.86 -7.77 -16.65
C LEU A 182 3.57 -9.13 -16.68
N VAL A 183 3.00 -10.16 -16.04
CA VAL A 183 3.49 -11.58 -16.08
C VAL A 183 2.34 -12.49 -16.52
N GLU A 184 2.59 -13.30 -17.54
CA GLU A 184 1.64 -14.29 -18.12
C GLU A 184 2.41 -15.60 -18.28
N ASN A 185 1.89 -16.68 -17.69
CA ASN A 185 2.50 -18.03 -17.67
C ASN A 185 3.97 -17.88 -17.23
N GLY A 186 4.22 -17.11 -16.16
CA GLY A 186 5.53 -16.97 -15.50
C GLY A 186 6.47 -16.01 -16.22
N LYS A 187 6.19 -15.69 -17.49
CA LYS A 187 7.05 -14.90 -18.40
C LYS A 187 6.60 -13.44 -18.35
N LEU A 188 7.52 -12.50 -18.57
CA LEU A 188 7.21 -11.06 -18.78
C LEU A 188 6.32 -10.95 -20.02
N ASN A 189 5.18 -10.28 -19.87
CA ASN A 189 4.17 -10.07 -20.93
C ASN A 189 3.92 -8.56 -21.07
N PHE A 190 4.82 -7.85 -21.75
CA PHE A 190 4.82 -6.36 -21.77
C PHE A 190 4.03 -5.84 -22.97
N ASP A 191 2.82 -5.31 -22.69
CA ASP A 191 1.99 -4.57 -23.65
C ASP A 191 2.53 -3.14 -23.76
N ASN A 192 3.35 -2.90 -24.76
CA ASN A 192 3.95 -1.57 -25.05
C ASN A 192 2.87 -0.49 -24.97
N LYS A 193 1.79 -0.64 -25.74
CA LYS A 193 0.76 0.42 -25.92
C LYS A 193 0.14 0.73 -24.55
N ALA A 194 -0.16 -0.30 -23.76
CA ALA A 194 -0.76 -0.10 -22.41
C ALA A 194 0.26 0.59 -21.50
N ALA A 195 1.54 0.24 -21.59
CA ALA A 195 2.62 0.84 -20.77
C ALA A 195 2.76 2.34 -21.11
N VAL A 196 2.80 2.69 -22.39
CA VAL A 196 2.90 4.09 -22.87
C VAL A 196 1.67 4.87 -22.38
N ASP A 197 0.48 4.28 -22.53
CA ASP A 197 -0.80 4.94 -22.21
C ASP A 197 -0.84 5.22 -20.69
N SER A 198 -0.31 4.32 -19.87
CA SER A 198 -0.26 4.54 -18.41
C SER A 198 0.64 5.75 -18.14
N LEU A 199 1.84 5.80 -18.72
CA LEU A 199 2.79 6.90 -18.48
C LEU A 199 2.21 8.20 -19.03
N LYS A 200 1.54 8.19 -20.17
CA LYS A 200 0.94 9.45 -20.71
C LYS A 200 -0.23 9.89 -19.85
N LEU A 201 -0.96 8.96 -19.23
CA LEU A 201 -2.12 9.37 -18.42
C LEU A 201 -1.62 10.22 -17.23
N TRP A 202 -0.65 9.71 -16.49
CA TRP A 202 -0.05 10.38 -15.31
C TRP A 202 0.57 11.69 -15.75
N LYS A 203 1.28 11.70 -16.87
CA LYS A 203 1.88 12.94 -17.39
C LYS A 203 0.79 13.97 -17.71
N SER A 204 -0.31 13.52 -18.29
CA SER A 204 -1.47 14.37 -18.72
C SER A 204 -2.06 15.11 -17.51
N PHE A 205 -2.08 14.50 -16.32
CA PHE A 205 -2.58 15.23 -15.12
C PHE A 205 -1.69 16.44 -14.82
N VAL A 206 -0.39 16.30 -14.99
CA VAL A 206 0.53 17.42 -14.73
C VAL A 206 0.32 18.47 -15.85
N ASP A 207 0.32 18.01 -17.10
CA ASP A 207 0.26 18.91 -18.28
C ASP A 207 -1.07 19.65 -18.24
N ASP A 208 -2.16 19.04 -17.80
CA ASP A 208 -3.51 19.65 -17.82
C ASP A 208 -3.74 20.54 -16.59
N GLY A 209 -2.78 20.63 -15.67
CA GLY A 209 -2.84 21.49 -14.47
C GLY A 209 -3.76 20.88 -13.39
N ILE A 210 -4.05 19.58 -13.47
CA ILE A 210 -4.91 18.88 -12.45
C ILE A 210 -4.05 18.41 -11.26
N SER A 211 -2.81 18.03 -11.54
CA SER A 211 -1.79 17.61 -10.55
C SER A 211 -0.64 18.63 -10.58
N LYS A 212 -0.01 18.83 -9.44
CA LYS A 212 1.06 19.85 -9.33
C LYS A 212 2.26 19.49 -10.21
N LYS A 213 3.04 20.50 -10.57
CA LYS A 213 4.18 20.37 -11.50
C LYS A 213 5.20 19.38 -10.96
N ASN A 214 5.41 19.37 -9.63
CA ASN A 214 6.43 18.52 -8.96
C ASN A 214 5.77 17.27 -8.37
N ILE A 215 4.79 16.69 -9.07
CA ILE A 215 4.18 15.39 -8.65
C ILE A 215 5.29 14.34 -8.58
N SER A 216 6.38 14.48 -9.35
CA SER A 216 7.49 13.51 -9.33
C SER A 216 8.19 13.47 -7.97
N GLU A 217 7.96 14.43 -7.05
CA GLU A 217 8.53 14.44 -5.69
C GLU A 217 7.53 13.87 -4.66
N VAL A 218 6.34 13.45 -5.08
CA VAL A 218 5.25 13.12 -4.13
C VAL A 218 5.29 11.63 -3.78
N ALA A 219 5.56 11.36 -2.51
CA ALA A 219 5.46 10.01 -1.92
C ALA A 219 4.06 9.79 -1.37
N THR A 220 3.79 8.54 -1.01
CA THR A 220 2.48 8.12 -0.48
C THR A 220 2.09 9.06 0.65
N ASP A 221 3.01 9.32 1.59
CA ASP A 221 2.63 10.07 2.82
C ASP A 221 2.58 11.58 2.54
N ASP A 222 3.18 12.04 1.44
CA ASP A 222 3.02 13.46 1.00
C ASP A 222 1.58 13.65 0.51
N THR A 223 1.08 12.69 -0.26
CA THR A 223 -0.32 12.68 -0.70
C THR A 223 -1.19 12.74 0.56
N ARG A 224 -0.89 11.88 1.54
CA ARG A 224 -1.72 11.83 2.77
C ARG A 224 -1.69 13.22 3.43
N LYS A 225 -0.50 13.79 3.60
CA LYS A 225 -0.34 15.06 4.36
C LYS A 225 -1.05 16.17 3.61
N GLU A 226 -0.92 16.20 2.28
CA GLU A 226 -1.48 17.37 1.54
C GLU A 226 -3.01 17.26 1.52
N PHE A 227 -3.55 16.06 1.41
CA PHE A 227 -5.02 15.89 1.39
C PHE A 227 -5.54 16.28 2.78
N GLN A 228 -4.89 15.80 3.83
CA GLN A 228 -5.27 16.08 5.24
C GLN A 228 -5.32 17.59 5.49
N ALA A 229 -4.42 18.33 4.84
CA ALA A 229 -4.26 19.79 4.98
C ALA A 229 -5.33 20.55 4.17
N GLY A 230 -6.24 19.86 3.51
CA GLY A 230 -7.31 20.50 2.73
C GLY A 230 -6.83 21.01 1.39
N LYS A 231 -5.76 20.48 0.83
CA LYS A 231 -5.13 21.03 -0.40
C LYS A 231 -5.34 20.09 -1.60
N VAL A 232 -6.17 19.07 -1.45
CA VAL A 232 -6.28 18.06 -2.54
C VAL A 232 -7.74 17.62 -2.69
N LEU A 233 -8.30 17.76 -3.88
CA LEU A 233 -9.66 17.24 -4.17
C LEU A 233 -9.74 15.70 -4.18
N PHE A 234 -8.82 15.07 -4.89
CA PHE A 234 -8.78 13.61 -5.11
C PHE A 234 -7.40 13.11 -4.77
N ALA A 235 -7.32 12.03 -3.99
CA ALA A 235 -6.02 11.44 -3.63
C ALA A 235 -6.06 9.93 -3.87
N VAL A 236 -5.05 9.40 -4.54
CA VAL A 236 -4.81 7.94 -4.57
C VAL A 236 -4.08 7.58 -3.26
N ASN A 237 -4.66 6.75 -2.40
CA ASN A 237 -3.87 6.31 -1.22
C ASN A 237 -4.36 4.96 -0.70
N TRP A 238 -3.93 4.62 0.49
CA TRP A 238 -4.15 3.32 1.14
C TRP A 238 -5.04 3.54 2.37
N SER A 239 -5.47 2.48 3.06
CA SER A 239 -6.51 2.65 4.10
C SER A 239 -5.97 3.46 5.30
N TYR A 240 -4.68 3.38 5.61
CA TYR A 240 -4.11 4.02 6.83
C TYR A 240 -4.37 5.53 6.84
N ALA A 241 -4.46 6.14 5.65
CA ALA A 241 -4.64 7.60 5.54
C ALA A 241 -5.89 8.05 6.29
N TRP A 242 -6.91 7.19 6.39
CA TRP A 242 -8.25 7.54 6.92
C TRP A 242 -8.11 8.02 8.35
N THR A 243 -7.32 7.34 9.18
CA THR A 243 -7.13 7.74 10.60
C THR A 243 -6.60 9.17 10.69
N HIS A 244 -5.61 9.51 9.88
CA HIS A 244 -5.03 10.89 9.85
C HIS A 244 -6.11 11.89 9.44
N PHE A 245 -6.93 11.56 8.42
CA PHE A 245 -7.98 12.47 7.91
C PHE A 245 -9.02 12.73 8.99
N GLN A 246 -9.29 11.78 9.86
CA GLN A 246 -10.37 11.94 10.87
C GLN A 246 -9.78 12.36 12.21
N GLY A 247 -8.46 12.56 12.30
CA GLY A 247 -7.72 12.85 13.55
C GLY A 247 -7.83 14.30 14.00
N LYS A 248 -7.02 14.65 15.00
CA LYS A 248 -6.95 15.96 15.72
C LYS A 248 -6.18 17.02 14.91
N GLU A 249 -5.34 16.61 13.94
CA GLU A 249 -4.46 17.55 13.19
C GLU A 249 -4.92 17.64 11.73
N SER A 250 -6.23 17.59 11.47
CA SER A 250 -6.73 17.45 10.09
C SER A 250 -7.64 18.63 9.76
N GLN A 251 -7.67 19.04 8.49
CA GLN A 251 -8.62 20.07 8.03
C GLN A 251 -9.83 19.41 7.38
N VAL A 252 -9.87 18.08 7.30
CA VAL A 252 -10.92 17.46 6.43
C VAL A 252 -11.77 16.48 7.22
N ASN A 253 -11.74 16.54 8.56
CA ASN A 253 -12.66 15.73 9.41
C ASN A 253 -14.03 15.73 8.77
N ASP A 254 -14.60 14.56 8.45
CA ASP A 254 -16.02 14.38 8.03
C ASP A 254 -16.24 14.96 6.64
N LYS A 255 -15.17 15.29 5.89
CA LYS A 255 -15.28 15.83 4.52
C LYS A 255 -14.64 14.84 3.53
N VAL A 256 -14.41 13.61 3.97
CA VAL A 256 -13.73 12.59 3.11
C VAL A 256 -14.68 11.49 2.70
N GLY A 257 -14.82 11.29 1.40
CA GLY A 257 -15.45 10.10 0.83
C GLY A 257 -14.38 9.13 0.38
N VAL A 258 -14.76 7.87 0.22
CA VAL A 258 -13.86 6.80 -0.27
C VAL A 258 -14.55 6.10 -1.43
N ALA A 259 -13.88 5.98 -2.57
CA ALA A 259 -14.44 5.31 -3.73
C ALA A 259 -13.40 4.35 -4.28
N ARG A 260 -13.83 3.44 -5.12
CA ARG A 260 -12.91 2.62 -5.92
C ARG A 260 -12.13 3.54 -6.88
N LEU A 261 -10.92 3.13 -7.23
CA LEU A 261 -10.12 3.94 -8.17
C LEU A 261 -10.91 4.05 -9.48
N PRO A 262 -10.87 5.21 -10.16
CA PRO A 262 -11.44 5.30 -11.50
C PRO A 262 -10.78 4.33 -12.47
N ALA A 263 -11.51 3.98 -13.53
CA ALA A 263 -11.03 3.11 -14.62
C ALA A 263 -10.48 4.02 -15.72
N VAL A 264 -9.62 3.50 -16.58
CA VAL A 264 -9.33 4.13 -17.91
C VAL A 264 -10.60 3.97 -18.76
N LYS A 265 -10.82 4.85 -19.74
CA LYS A 265 -12.04 4.79 -20.62
C LYS A 265 -12.17 3.37 -21.15
N GLY A 266 -13.35 2.76 -21.02
CA GLY A 266 -13.59 1.38 -21.48
C GLY A 266 -12.95 0.31 -20.60
N GLY A 267 -12.34 0.67 -19.47
CA GLY A 267 -11.61 -0.32 -18.64
C GLY A 267 -12.37 -0.70 -17.38
N GLU A 268 -11.71 -1.40 -16.47
CA GLU A 268 -12.30 -1.91 -15.23
C GLU A 268 -11.72 -1.09 -14.07
N GLN A 269 -12.50 -0.89 -13.01
CA GLN A 269 -12.05 -0.21 -11.78
C GLN A 269 -11.19 -1.19 -10.97
N THR A 270 -9.98 -1.42 -11.44
CA THR A 270 -8.99 -2.28 -10.76
C THR A 270 -8.16 -1.42 -9.81
N THR A 271 -7.60 -2.10 -8.81
CA THR A 271 -6.70 -1.47 -7.83
C THR A 271 -5.54 -2.41 -7.53
N CYS A 272 -4.53 -1.87 -6.82
CA CYS A 272 -3.34 -2.59 -6.34
C CYS A 272 -3.62 -3.26 -4.98
N LEU A 273 -3.31 -4.56 -4.89
CA LEU A 273 -3.24 -5.24 -3.59
C LEU A 273 -2.04 -4.72 -2.79
N GLY A 274 -2.27 -4.29 -1.56
CA GLY A 274 -1.18 -4.02 -0.59
C GLY A 274 -1.29 -4.96 0.59
N GLY A 275 -0.77 -4.54 1.71
CA GLY A 275 -0.92 -5.27 2.98
C GLY A 275 0.44 -5.79 3.44
N TRP A 276 0.49 -6.21 4.69
CA TRP A 276 1.75 -6.51 5.40
C TRP A 276 1.56 -7.77 6.22
N GLU A 277 2.67 -8.43 6.52
CA GLU A 277 2.68 -9.69 7.30
C GLU A 277 3.84 -9.63 8.32
N PHE A 278 3.76 -10.45 9.37
CA PHE A 278 4.78 -10.54 10.44
C PHE A 278 5.60 -11.81 10.21
N GLY A 279 6.86 -11.64 9.82
CA GLY A 279 7.83 -12.74 9.73
C GLY A 279 8.64 -12.83 11.01
N VAL A 280 9.00 -14.04 11.45
CA VAL A 280 10.01 -14.26 12.51
C VAL A 280 11.35 -14.37 11.80
N SER A 281 12.31 -13.51 12.17
CA SER A 281 13.68 -13.57 11.60
C SER A 281 14.25 -14.97 11.81
N ALA A 282 14.88 -15.53 10.77
CA ALA A 282 15.60 -16.82 10.82
C ALA A 282 16.80 -16.70 11.77
N TYR A 283 17.27 -15.47 12.04
CA TYR A 283 18.47 -15.18 12.85
C TYR A 283 18.06 -14.70 14.24
N SER A 284 16.77 -14.68 14.55
CA SER A 284 16.30 -14.43 15.93
C SER A 284 16.94 -15.49 16.84
N LYS A 285 17.44 -15.07 18.00
CA LYS A 285 17.88 -15.98 19.08
C LYS A 285 16.67 -16.20 20.02
N GLN A 286 15.47 -15.75 19.64
CA GLN A 286 14.25 -15.90 20.49
C GLN A 286 13.05 -16.36 19.64
N GLN A 287 13.28 -17.40 18.82
CA GLN A 287 12.31 -18.09 17.93
C GLN A 287 10.96 -18.28 18.62
N ASP A 288 10.94 -19.00 19.74
CA ASP A 288 9.68 -19.42 20.41
C ASP A 288 8.94 -18.17 20.87
N GLU A 289 9.62 -17.23 21.54
CA GLU A 289 8.90 -16.07 22.12
C GLU A 289 8.38 -15.17 20.97
N ALA A 290 9.08 -15.16 19.84
CA ALA A 290 8.78 -14.25 18.71
C ALA A 290 7.50 -14.77 18.06
N LYS A 291 7.42 -16.09 17.89
CA LYS A 291 6.24 -16.80 17.32
C LYS A 291 5.02 -16.49 18.17
N LYS A 292 5.16 -16.53 19.50
CA LYS A 292 4.02 -16.27 20.40
C LYS A 292 3.57 -14.82 20.16
N LEU A 293 4.51 -13.89 20.08
CA LEU A 293 4.18 -12.46 19.80
C LEU A 293 3.47 -12.33 18.43
N VAL A 294 3.98 -12.97 17.37
CA VAL A 294 3.37 -12.92 16.02
C VAL A 294 1.94 -13.48 16.09
N GLU A 295 1.70 -14.55 16.86
CA GLU A 295 0.36 -15.18 16.97
C GLU A 295 -0.60 -14.19 17.66
N TYR A 296 -0.13 -13.44 18.67
CA TYR A 296 -0.96 -12.36 19.28
C TYR A 296 -1.19 -11.24 18.25
N LEU A 297 -0.14 -10.85 17.51
CA LEU A 297 -0.23 -9.62 16.66
C LEU A 297 -1.10 -9.90 15.45
N SER A 298 -1.13 -11.18 15.01
CA SER A 298 -1.96 -11.71 13.89
C SER A 298 -3.26 -12.31 14.41
N SER A 299 -3.66 -11.99 15.64
CA SER A 299 -4.91 -12.48 16.27
C SER A 299 -6.06 -11.57 15.85
N GLN A 300 -7.28 -12.10 15.87
CA GLN A 300 -8.49 -11.35 15.47
C GLN A 300 -8.61 -10.09 16.34
N ASP A 301 -8.36 -10.20 17.65
CA ASP A 301 -8.59 -9.04 18.58
C ASP A 301 -7.64 -7.89 18.22
N VAL A 302 -6.41 -8.21 17.83
CA VAL A 302 -5.40 -7.19 17.46
C VAL A 302 -5.76 -6.64 16.06
N SER A 303 -6.10 -7.50 15.09
CA SER A 303 -6.64 -7.09 13.77
C SER A 303 -7.71 -6.02 13.99
N LYS A 304 -8.61 -6.28 14.94
CA LYS A 304 -9.79 -5.42 15.18
C LYS A 304 -9.32 -4.09 15.75
N PHE A 305 -8.42 -4.16 16.75
CA PHE A 305 -7.87 -2.98 17.45
C PHE A 305 -7.19 -2.07 16.41
N MET A 306 -6.41 -2.67 15.52
CA MET A 306 -5.61 -1.93 14.50
C MET A 306 -6.53 -1.38 13.42
N ALA A 307 -7.65 -2.03 13.13
CA ALA A 307 -8.66 -1.46 12.21
C ALA A 307 -9.26 -0.21 12.84
N ILE A 308 -9.74 -0.34 14.08
CA ILE A 308 -10.44 0.78 14.78
C ILE A 308 -9.44 1.93 15.01
N ASN A 309 -8.21 1.64 15.38
CA ASN A 309 -7.31 2.71 15.91
C ASN A 309 -6.36 3.25 14.84
N ALA A 310 -6.16 2.53 13.72
CA ALA A 310 -5.16 2.88 12.69
C ALA A 310 -5.71 2.72 11.26
N ALA A 311 -7.01 2.41 11.08
CA ALA A 311 -7.64 2.23 9.76
C ALA A 311 -6.83 1.24 8.95
N LEU A 312 -6.27 0.24 9.60
CA LEU A 312 -5.56 -0.82 8.87
C LEU A 312 -6.59 -1.91 8.53
N LEU A 313 -6.76 -2.25 7.26
CA LEU A 313 -7.83 -3.19 6.82
C LEU A 313 -7.61 -4.56 7.43
N PRO A 314 -8.65 -5.21 7.99
CA PRO A 314 -8.46 -6.55 8.58
C PRO A 314 -8.02 -7.65 7.61
N THR A 315 -7.30 -8.62 8.18
CA THR A 315 -6.96 -9.91 7.55
C THR A 315 -8.08 -10.94 7.80
N TYR A 316 -9.02 -10.64 8.70
CA TYR A 316 -10.18 -11.48 9.08
C TYR A 316 -11.44 -10.93 8.39
N ALA A 317 -12.04 -11.74 7.52
CA ALA A 317 -13.22 -11.36 6.72
C ALA A 317 -14.32 -10.86 7.66
N ALA A 318 -14.54 -11.53 8.79
CA ALA A 318 -15.61 -11.21 9.76
C ALA A 318 -15.44 -9.80 10.34
N LEU A 319 -14.22 -9.25 10.37
CA LEU A 319 -14.02 -7.91 11.02
C LEU A 319 -14.56 -6.79 10.12
N TYR A 320 -14.77 -7.05 8.84
CA TYR A 320 -15.23 -6.00 7.89
C TYR A 320 -16.66 -5.59 8.21
N LYS A 321 -17.42 -6.50 8.83
CA LYS A 321 -18.83 -6.27 9.22
C LYS A 321 -19.00 -6.20 10.74
N ASP A 322 -17.93 -6.32 11.53
CA ASP A 322 -17.97 -6.07 13.00
C ASP A 322 -18.55 -4.68 13.27
N ALA A 323 -19.44 -4.57 14.25
CA ALA A 323 -20.25 -3.35 14.53
C ALA A 323 -19.35 -2.21 15.02
N ASP A 324 -18.34 -2.52 15.84
CA ASP A 324 -17.42 -1.48 16.38
C ASP A 324 -16.50 -1.00 15.26
N VAL A 325 -16.00 -1.92 14.41
CA VAL A 325 -15.16 -1.57 13.23
C VAL A 325 -15.97 -0.62 12.36
N THR A 326 -17.19 -1.00 11.99
CA THR A 326 -18.00 -0.25 10.98
C THR A 326 -18.56 1.02 11.61
N LYS A 327 -18.73 1.08 12.94
CA LYS A 327 -19.13 2.34 13.66
C LYS A 327 -17.98 3.34 13.53
N THR A 328 -16.74 2.88 13.67
CA THR A 328 -15.55 3.78 13.67
C THR A 328 -15.26 4.16 12.23
N ILE A 329 -15.25 3.18 11.33
CA ILE A 329 -14.96 3.39 9.89
C ILE A 329 -16.07 2.74 9.07
N PRO A 330 -17.17 3.48 8.77
CA PRO A 330 -18.30 2.93 8.01
C PRO A 330 -17.89 2.27 6.68
N TRP A 331 -17.01 2.89 5.93
CA TRP A 331 -16.60 2.38 4.60
C TRP A 331 -15.91 1.02 4.69
N PHE A 332 -15.31 0.62 5.81
CA PHE A 332 -14.77 -0.77 5.95
C PHE A 332 -15.85 -1.82 5.65
N ALA A 333 -17.12 -1.54 5.92
CA ALA A 333 -18.25 -2.49 5.71
C ALA A 333 -18.32 -2.94 4.25
N ASP A 334 -17.77 -2.16 3.32
CA ASP A 334 -17.86 -2.44 1.87
C ASP A 334 -16.47 -2.58 1.27
N ALA A 335 -15.40 -2.66 2.06
CA ALA A 335 -14.02 -2.68 1.53
C ALA A 335 -13.61 -4.08 1.08
N LEU A 336 -14.19 -5.13 1.64
CA LEU A 336 -13.57 -6.47 1.46
C LEU A 336 -13.56 -6.88 -0.01
N PRO A 337 -14.63 -6.64 -0.81
CA PRO A 337 -14.63 -6.99 -2.22
C PRO A 337 -13.50 -6.30 -2.99
N VAL A 338 -13.13 -5.10 -2.58
CA VAL A 338 -12.00 -4.34 -3.20
C VAL A 338 -10.69 -5.05 -2.86
N VAL A 339 -10.49 -5.39 -1.60
CA VAL A 339 -9.25 -6.11 -1.20
C VAL A 339 -9.15 -7.46 -1.92
N GLU A 340 -10.24 -8.22 -1.95
CA GLU A 340 -10.22 -9.64 -2.41
C GLU A 340 -10.13 -9.71 -3.94
N THR A 341 -10.36 -8.62 -4.67
CA THR A 341 -10.23 -8.57 -6.14
C THR A 341 -9.02 -7.72 -6.57
N ALA A 342 -8.28 -7.13 -5.61
CA ALA A 342 -7.15 -6.23 -5.91
C ALA A 342 -6.10 -7.06 -6.66
N LYS A 343 -5.50 -6.45 -7.69
CA LYS A 343 -4.46 -7.08 -8.54
C LYS A 343 -3.18 -7.13 -7.72
N ALA A 344 -2.43 -8.21 -7.83
CA ALA A 344 -1.13 -8.35 -7.14
C ALA A 344 -0.01 -7.91 -8.09
N ARG A 345 0.95 -7.17 -7.54
CA ARG A 345 2.25 -6.97 -8.21
C ARG A 345 2.89 -8.34 -8.40
N PRO A 346 3.84 -8.45 -9.34
CA PRO A 346 4.55 -9.70 -9.62
C PRO A 346 5.11 -10.39 -8.36
N VAL A 347 4.92 -11.70 -8.28
CA VAL A 347 5.51 -12.55 -7.20
C VAL A 347 6.85 -13.03 -7.74
N THR A 348 7.95 -12.62 -7.13
CA THR A 348 9.32 -12.97 -7.59
C THR A 348 10.30 -12.66 -6.46
N PRO A 349 11.31 -13.52 -6.27
CA PRO A 349 12.39 -13.23 -5.32
C PRO A 349 13.23 -12.02 -5.74
N ARG A 350 13.19 -11.64 -7.01
CA ARG A 350 13.92 -10.47 -7.57
C ARG A 350 13.00 -9.25 -7.64
N TYR A 351 11.97 -9.17 -6.78
CA TYR A 351 10.94 -8.11 -6.90
C TYR A 351 11.64 -6.74 -6.83
N ASN A 352 12.66 -6.61 -5.98
CA ASN A 352 13.36 -5.33 -5.71
C ASN A 352 13.83 -4.73 -7.04
N GLU A 353 14.37 -5.55 -7.93
CA GLU A 353 14.91 -5.11 -9.26
C GLU A 353 13.71 -4.73 -10.16
N VAL A 354 12.61 -5.45 -10.02
CA VAL A 354 11.36 -5.14 -10.78
C VAL A 354 10.87 -3.77 -10.32
N SER A 355 10.75 -3.55 -9.01
CA SER A 355 10.31 -2.27 -8.40
C SER A 355 11.22 -1.12 -8.87
N GLU A 356 12.54 -1.30 -8.78
CA GLU A 356 13.57 -0.28 -9.14
C GLU A 356 13.32 0.18 -10.58
N THR A 357 13.14 -0.75 -11.52
CA THR A 357 12.93 -0.43 -12.95
C THR A 357 11.66 0.39 -13.15
N ILE A 358 10.55 -0.05 -12.59
CA ILE A 358 9.24 0.58 -12.88
C ILE A 358 9.21 1.95 -12.21
N ARG A 359 9.55 2.02 -10.93
CA ARG A 359 9.42 3.30 -10.17
C ARG A 359 10.38 4.38 -10.71
N THR A 360 11.61 4.03 -11.11
CA THR A 360 12.54 5.02 -11.72
C THR A 360 11.99 5.49 -13.07
N THR A 361 11.35 4.62 -13.86
CA THR A 361 10.77 5.02 -15.18
C THR A 361 9.60 5.99 -14.95
N VAL A 362 8.65 5.64 -14.08
CA VAL A 362 7.51 6.53 -13.74
C VAL A 362 8.07 7.89 -13.33
N ASN A 363 8.98 7.90 -12.35
CA ASN A 363 9.55 9.15 -11.79
C ASN A 363 10.22 9.96 -12.90
N GLY A 364 11.07 9.33 -13.73
CA GLY A 364 11.73 10.00 -14.86
C GLY A 364 10.75 10.69 -15.80
N VAL A 365 9.67 10.01 -16.20
CA VAL A 365 8.64 10.58 -17.10
C VAL A 365 7.97 11.78 -16.41
N LEU A 366 7.58 11.62 -15.15
CA LEU A 366 6.87 12.71 -14.43
C LEU A 366 7.84 13.84 -14.12
N ALA A 367 9.15 13.57 -14.04
CA ALA A 367 10.13 14.65 -13.83
C ALA A 367 10.56 15.27 -15.18
N GLY A 368 10.10 14.73 -16.31
CA GLY A 368 10.36 15.24 -17.67
C GLY A 368 11.75 14.92 -18.16
N VAL A 369 12.34 13.81 -17.69
CA VAL A 369 13.69 13.26 -18.02
C VAL A 369 13.58 12.46 -19.31
N MET A 370 12.43 11.81 -19.54
CA MET A 370 12.22 10.94 -20.73
C MET A 370 10.76 11.00 -21.10
N THR A 371 10.47 10.71 -22.36
CA THR A 371 9.11 10.66 -22.89
C THR A 371 8.48 9.35 -22.40
N PRO A 372 7.14 9.31 -22.34
CA PRO A 372 6.43 8.05 -22.07
C PRO A 372 6.89 6.91 -23.00
N GLU A 373 7.02 7.22 -24.28
CA GLU A 373 7.41 6.27 -25.36
C GLU A 373 8.75 5.64 -24.99
N ASP A 374 9.76 6.46 -24.70
CA ASP A 374 11.12 6.00 -24.32
C ASP A 374 11.02 5.28 -22.98
N GLY A 375 10.25 5.82 -22.03
CA GLY A 375 10.03 5.16 -20.72
C GLY A 375 9.57 3.73 -20.89
N ALA A 376 8.53 3.50 -21.67
CA ALA A 376 8.00 2.14 -21.88
C ALA A 376 9.12 1.25 -22.41
N LYS A 377 9.88 1.72 -23.40
CA LYS A 377 10.97 0.94 -24.07
C LYS A 377 12.05 0.59 -23.04
N GLN A 378 12.48 1.58 -22.26
CA GLN A 378 13.46 1.41 -21.15
C GLN A 378 12.92 0.37 -20.15
N MET A 379 11.68 0.56 -19.67
CA MET A 379 11.08 -0.34 -18.66
C MET A 379 11.14 -1.79 -19.19
N GLU A 380 10.70 -2.02 -20.43
CA GLU A 380 10.59 -3.38 -21.02
C GLU A 380 11.98 -3.99 -21.08
N SER A 381 12.95 -3.25 -21.64
CA SER A 381 14.35 -3.71 -21.78
C SER A 381 14.87 -4.12 -20.39
N ARG A 382 14.83 -3.20 -19.42
CA ARG A 382 15.34 -3.48 -18.05
C ARG A 382 14.58 -4.68 -17.45
N LEU A 383 13.25 -4.75 -17.57
CA LEU A 383 12.46 -5.85 -16.96
C LEU A 383 12.84 -7.18 -17.62
N ARG A 384 12.98 -7.19 -18.96
CA ARG A 384 13.27 -8.41 -19.78
C ARG A 384 14.41 -9.21 -19.14
N ARG A 385 15.49 -8.54 -18.70
CA ARG A 385 16.72 -9.19 -18.19
C ARG A 385 16.65 -9.42 -16.67
N VAL A 386 15.53 -9.11 -16.01
CA VAL A 386 15.37 -9.28 -14.53
C VAL A 386 14.33 -10.39 -14.27
C1 YZT B . 1.15 0.67 1.44
C2 YZT B . 0.77 -0.78 1.06
C3 YZT B . 1.96 -1.53 0.49
C4 YZT B . 2.61 -0.72 -0.61
C5 YZT B . 3.07 0.61 -0.04
C6 YZT B . 3.75 1.52 -1.04
O1 YZT B . 1.81 0.69 2.64
O1S6 YZT B . 5.60 3.32 -1.47
O2 YZT B . 0.13 -1.43 2.16
O2S6 YZT B . 5.59 2.08 0.63
O3 YZT B . 1.59 -2.80 -0.03
O3S6 YZT B . 3.94 3.77 0.30
O4 YZT B . 3.76 -1.38 -1.12
O5 YZT B . 1.95 1.33 0.46
S6 YZT B . 4.78 2.79 -0.33
H1 YZT B . 0.30 1.19 1.55
H1O YZT B . 1.87 -0.12 2.93
H1S6 YZT B . 5.44 4.11 -1.58
H2 YZT B . 0.11 -0.69 0.33
H2O YZT B . 0.52 -2.16 2.32
H3 YZT B . 2.61 -1.67 1.22
H3O YZT B . 1.81 -2.84 -0.85
H4 YZT B . 1.96 -0.57 -1.33
H4O YZT B . 4.43 -0.88 -1.00
H5 YZT B . 3.70 0.43 0.71
H61 YZT B . 4.30 0.97 -1.65
H62 YZT B . 3.06 1.94 -1.59
#